data_1QU7
#
_entry.id   1QU7
#
_cell.length_a   132.440
_cell.length_b   132.440
_cell.length_c   134.590
_cell.angle_alpha   90.00
_cell.angle_beta   90.00
_cell.angle_gamma   120.00
#
_symmetry.space_group_name_H-M   'P 3 2 1'
#
loop_
_entity.id
_entity.type
_entity.pdbx_description
1 polymer 'METHYL-ACCEPTING CHEMOTAXIS PROTEIN I'
2 water water
#
_entity_poly.entity_id   1
_entity_poly.type   'polypeptide(L)'
_entity_poly.pdbx_seq_one_letter_code
;RTEQQAASLEQTAASMEQLTATVKQNAENARQASHLALSASETAQRGGKVVDNVVQTMRDISTSSQKIADIISVIDGIAF
QTNILALNAAVEAARAGEQGRGFAVVAGEVRNLAQRSAQAAREIKSLIEDSVGKVDVGSTLVESAGETMAEIVSAVTRVT
DIMGEIASASDEQSRGIDQVGLAVAEMDRVTQQNAALVEQSAAAAAALEEQASRLTEAVAVFRIQQQ
;
_entity_poly.pdbx_strand_id   A,B
#
# COMPACT_ATOMS: atom_id res chain seq x y z
N ARG A 1 32.29 47.59 -6.96
CA ARG A 1 33.14 47.40 -5.74
C ARG A 1 32.45 46.44 -4.76
N THR A 2 31.14 46.65 -4.59
CA THR A 2 30.32 45.81 -3.72
C THR A 2 29.46 44.90 -4.60
N GLU A 3 29.93 44.68 -5.83
CA GLU A 3 29.24 43.86 -6.82
C GLU A 3 29.15 42.39 -6.44
N GLN A 4 30.23 41.67 -6.74
CA GLN A 4 30.36 40.23 -6.48
C GLN A 4 30.65 40.00 -5.00
N GLN A 5 31.03 41.08 -4.31
CA GLN A 5 31.35 41.05 -2.89
C GLN A 5 30.15 40.56 -2.08
N ALA A 6 29.08 41.37 -2.06
CA ALA A 6 27.85 41.01 -1.35
C ALA A 6 27.30 39.71 -1.97
N ALA A 7 27.52 39.57 -3.28
CA ALA A 7 27.07 38.41 -4.04
C ALA A 7 27.47 37.05 -3.47
N SER A 8 28.31 37.05 -2.43
CA SER A 8 28.72 35.79 -1.82
C SER A 8 27.76 35.41 -0.70
N LEU A 9 27.26 36.42 0.02
CA LEU A 9 26.31 36.10 1.09
C LEU A 9 25.03 35.64 0.40
N GLU A 10 24.89 35.95 -0.89
CA GLU A 10 23.71 35.53 -1.65
C GLU A 10 23.79 34.01 -1.68
N GLN A 11 24.88 33.51 -2.23
CA GLN A 11 25.12 32.08 -2.30
C GLN A 11 24.57 31.38 -1.08
N THR A 12 25.34 31.48 -0.01
CA THR A 12 25.02 30.82 1.23
C THR A 12 23.66 31.17 1.86
N ALA A 13 23.50 32.40 2.34
CA ALA A 13 22.25 32.82 2.96
C ALA A 13 21.07 32.28 2.18
N ALA A 14 21.23 32.20 0.85
CA ALA A 14 20.20 31.70 -0.07
C ALA A 14 20.19 30.17 -0.13
N SER A 15 21.39 29.60 -0.24
CA SER A 15 21.52 28.15 -0.30
C SER A 15 21.15 27.60 1.07
N MET A 16 21.58 28.32 2.09
CA MET A 16 21.33 27.93 3.47
C MET A 16 19.83 27.91 3.79
N GLU A 17 19.02 28.61 3.00
CA GLU A 17 17.56 28.62 3.23
C GLU A 17 16.98 27.27 2.85
N GLN A 18 17.14 26.93 1.59
CA GLN A 18 16.66 25.66 1.06
C GLN A 18 17.03 24.59 2.08
N LEU A 19 18.30 24.60 2.50
CA LEU A 19 18.79 23.64 3.48
C LEU A 19 17.99 23.56 4.77
N THR A 20 17.38 24.68 5.19
CA THR A 20 16.61 24.65 6.42
C THR A 20 15.14 24.39 6.13
N ALA A 21 14.74 24.58 4.88
CA ALA A 21 13.36 24.36 4.49
C ALA A 21 13.13 22.90 4.11
N THR A 22 13.97 22.35 3.25
CA THR A 22 13.85 20.96 2.86
C THR A 22 14.23 20.02 4.00
N VAL A 23 14.63 20.56 5.14
CA VAL A 23 14.95 19.70 6.29
C VAL A 23 13.67 19.43 7.06
N LYS A 24 12.68 20.31 6.89
CA LYS A 24 11.39 20.15 7.57
C LYS A 24 10.41 19.53 6.57
N GLN A 25 10.57 19.90 5.31
CA GLN A 25 9.71 19.36 4.24
C GLN A 25 9.70 17.85 4.34
N ASN A 26 10.79 17.22 3.93
CA ASN A 26 10.88 15.78 4.02
C ASN A 26 11.32 15.34 5.43
N ALA A 27 10.59 15.83 6.43
CA ALA A 27 10.81 15.51 7.84
C ALA A 27 9.45 15.16 8.42
N GLU A 28 8.41 15.73 7.80
CA GLU A 28 7.02 15.50 8.18
C GLU A 28 6.39 14.54 7.12
N ASN A 29 6.93 14.60 5.91
CA ASN A 29 6.51 13.72 4.80
C ASN A 29 6.80 12.32 5.30
N ALA A 30 7.87 12.25 6.10
CA ALA A 30 8.33 11.02 6.71
C ALA A 30 7.37 10.57 7.81
N ARG A 31 6.75 11.53 8.50
CA ARG A 31 5.82 11.18 9.57
C ARG A 31 4.49 10.64 9.02
N GLN A 32 3.92 11.34 8.04
CA GLN A 32 2.66 10.89 7.45
C GLN A 32 2.91 9.51 6.83
N ALA A 33 4.04 9.37 6.14
CA ALA A 33 4.44 8.12 5.47
C ALA A 33 4.55 6.97 6.46
N SER A 34 4.58 7.26 7.76
CA SER A 34 4.66 6.21 8.78
C SER A 34 3.30 5.98 9.44
N HIS A 35 2.37 6.90 9.22
CA HIS A 35 1.00 6.79 9.74
C HIS A 35 0.10 6.46 8.55
N LEU A 36 0.59 6.84 7.37
CA LEU A 36 -0.06 6.56 6.10
C LEU A 36 0.36 5.11 5.80
N ALA A 37 1.42 4.69 6.51
CA ALA A 37 1.98 3.34 6.43
C ALA A 37 1.11 2.44 7.30
N LEU A 38 0.24 3.06 8.11
CA LEU A 38 -0.68 2.31 8.95
C LEU A 38 -2.02 2.34 8.24
N SER A 39 -2.11 3.17 7.18
CA SER A 39 -3.32 3.25 6.38
C SER A 39 -3.40 1.88 5.71
N ALA A 40 -2.24 1.35 5.34
CA ALA A 40 -2.14 0.05 4.70
C ALA A 40 -1.93 -1.05 5.72
N SER A 41 -1.52 -0.69 6.94
CA SER A 41 -1.31 -1.70 7.97
C SER A 41 -2.61 -2.29 8.49
N GLU A 42 -3.56 -1.44 8.87
CA GLU A 42 -4.86 -1.93 9.35
C GLU A 42 -5.64 -2.49 8.18
N THR A 43 -5.50 -1.86 7.02
CA THR A 43 -6.17 -2.30 5.81
C THR A 43 -5.66 -3.72 5.47
N ALA A 44 -4.57 -4.11 6.13
CA ALA A 44 -3.97 -5.42 5.92
C ALA A 44 -4.48 -6.42 6.94
N GLN A 45 -4.83 -5.92 8.13
CA GLN A 45 -5.36 -6.76 9.21
C GLN A 45 -6.84 -7.02 9.00
N ARG A 46 -7.52 -6.04 8.41
CA ARG A 46 -8.93 -6.13 8.12
C ARG A 46 -9.05 -6.87 6.80
N GLY A 47 -8.02 -6.78 5.97
CA GLY A 47 -8.01 -7.50 4.72
C GLY A 47 -7.97 -8.99 5.05
N GLY A 48 -7.31 -9.31 6.17
CA GLY A 48 -7.20 -10.68 6.63
C GLY A 48 -8.51 -11.31 7.10
N LYS A 49 -8.95 -10.98 8.31
CA LYS A 49 -10.20 -11.49 8.88
C LYS A 49 -11.36 -11.43 7.89
N VAL A 50 -11.25 -10.55 6.88
CA VAL A 50 -12.30 -10.37 5.88
C VAL A 50 -12.20 -11.29 4.67
N VAL A 51 -11.05 -11.38 4.02
CA VAL A 51 -10.94 -12.30 2.88
C VAL A 51 -11.00 -13.71 3.47
N ASP A 52 -10.90 -13.75 4.78
CA ASP A 52 -10.94 -14.98 5.53
C ASP A 52 -12.38 -15.49 5.65
N ASN A 53 -13.32 -14.56 5.77
CA ASN A 53 -14.73 -14.91 5.86
C ASN A 53 -15.25 -15.19 4.47
N VAL A 54 -14.43 -14.94 3.47
CA VAL A 54 -14.84 -15.24 2.10
C VAL A 54 -14.43 -16.68 1.84
N VAL A 55 -13.43 -17.15 2.56
CA VAL A 55 -12.99 -18.53 2.41
C VAL A 55 -14.02 -19.33 3.20
N GLN A 56 -14.39 -18.78 4.35
CA GLN A 56 -15.37 -19.41 5.22
C GLN A 56 -16.70 -19.67 4.54
N THR A 57 -17.52 -18.64 4.44
CA THR A 57 -18.85 -18.80 3.85
C THR A 57 -18.75 -19.49 2.49
N MET A 58 -17.63 -19.33 1.81
CA MET A 58 -17.48 -19.98 0.50
C MET A 58 -17.21 -21.48 0.67
N ARG A 59 -16.82 -21.83 1.89
CA ARG A 59 -16.49 -23.21 2.22
C ARG A 59 -17.75 -23.96 2.60
N ASP A 60 -18.41 -23.53 3.66
CA ASP A 60 -19.63 -24.21 4.07
C ASP A 60 -20.63 -24.27 2.90
N ILE A 61 -20.25 -23.70 1.77
CA ILE A 61 -21.11 -23.74 0.60
C ILE A 61 -20.94 -25.11 -0.02
N SER A 62 -19.68 -25.49 -0.27
CA SER A 62 -19.40 -26.79 -0.86
C SER A 62 -20.05 -27.91 -0.05
N THR A 63 -20.05 -27.79 1.27
CA THR A 63 -20.64 -28.82 2.11
C THR A 63 -22.15 -28.88 1.87
N SER A 64 -22.85 -27.76 2.06
CA SER A 64 -24.29 -27.74 1.82
C SER A 64 -24.53 -28.39 0.47
N SER A 65 -23.66 -28.09 -0.50
CA SER A 65 -23.77 -28.63 -1.84
C SER A 65 -23.36 -30.10 -1.88
N GLN A 66 -23.53 -30.77 -0.74
CA GLN A 66 -23.19 -32.19 -0.61
C GLN A 66 -24.40 -32.81 0.05
N LYS A 67 -24.87 -32.11 1.07
CA LYS A 67 -26.05 -32.48 1.86
C LYS A 67 -27.17 -32.73 0.85
N ILE A 68 -26.92 -32.26 -0.37
CA ILE A 68 -27.82 -32.46 -1.50
C ILE A 68 -27.46 -33.82 -2.11
N ALA A 69 -26.29 -33.88 -2.74
CA ALA A 69 -25.77 -35.08 -3.40
C ALA A 69 -26.22 -36.42 -2.81
N ASP A 70 -26.14 -36.59 -1.50
CA ASP A 70 -26.59 -37.87 -0.94
C ASP A 70 -28.13 -37.93 -0.92
N ILE A 71 -28.77 -36.79 -1.13
CA ILE A 71 -30.21 -36.78 -1.23
C ILE A 71 -30.42 -37.26 -2.67
N ILE A 72 -29.60 -36.76 -3.57
CA ILE A 72 -29.73 -37.15 -4.97
C ILE A 72 -29.50 -38.65 -5.06
N SER A 73 -28.49 -39.16 -4.36
CA SER A 73 -28.28 -40.60 -4.39
C SER A 73 -29.63 -41.26 -3.98
N VAL A 74 -30.26 -40.70 -2.96
CA VAL A 74 -31.55 -41.25 -2.52
C VAL A 74 -32.53 -41.26 -3.69
N ILE A 75 -32.76 -40.09 -4.28
CA ILE A 75 -33.67 -40.01 -5.39
C ILE A 75 -33.30 -41.08 -6.40
N ASP A 76 -32.01 -41.20 -6.66
CA ASP A 76 -31.58 -42.20 -7.61
C ASP A 76 -31.95 -43.62 -7.12
N GLY A 77 -31.72 -43.87 -5.83
CA GLY A 77 -32.07 -45.16 -5.30
C GLY A 77 -33.57 -45.42 -5.46
N ILE A 78 -34.36 -44.35 -5.29
CA ILE A 78 -35.79 -44.46 -5.42
C ILE A 78 -36.14 -44.90 -6.81
N ALA A 79 -35.43 -44.31 -7.79
CA ALA A 79 -35.64 -44.59 -9.20
C ALA A 79 -35.29 -46.05 -9.49
N PHE A 80 -34.06 -46.42 -9.15
CA PHE A 80 -33.62 -47.80 -9.34
C PHE A 80 -34.69 -48.79 -8.81
N GLN A 81 -35.00 -48.65 -7.53
CA GLN A 81 -36.00 -49.48 -6.86
C GLN A 81 -37.31 -49.48 -7.67
N THR A 82 -37.71 -48.30 -8.14
CA THR A 82 -38.91 -48.24 -8.93
C THR A 82 -38.77 -49.02 -10.21
N ASN A 83 -37.70 -48.76 -10.97
CA ASN A 83 -37.52 -49.48 -12.25
C ASN A 83 -37.71 -50.98 -12.08
N ILE A 84 -37.53 -51.47 -10.87
CA ILE A 84 -37.71 -52.88 -10.61
C ILE A 84 -39.21 -53.24 -10.51
N LEU A 85 -39.98 -52.40 -9.84
CA LEU A 85 -41.38 -52.69 -9.72
C LEU A 85 -41.94 -52.93 -11.09
N ALA A 86 -41.54 -52.09 -12.03
CA ALA A 86 -41.99 -52.17 -13.41
C ALA A 86 -42.18 -53.62 -13.67
N LEU A 87 -41.13 -54.39 -13.34
CA LEU A 87 -41.22 -55.84 -13.54
C LEU A 87 -42.33 -56.54 -12.73
N ASN A 88 -42.28 -56.42 -11.41
CA ASN A 88 -43.30 -57.09 -10.60
C ASN A 88 -44.64 -56.69 -11.16
N ALA A 89 -44.73 -55.42 -11.57
CA ALA A 89 -45.96 -54.96 -12.18
C ALA A 89 -46.20 -55.88 -13.41
N ALA A 90 -45.24 -55.87 -14.36
CA ALA A 90 -45.33 -56.67 -15.57
C ALA A 90 -45.57 -58.16 -15.31
N VAL A 91 -44.87 -58.74 -14.34
CA VAL A 91 -45.14 -60.16 -14.05
C VAL A 91 -46.62 -60.34 -13.71
N GLU A 92 -47.10 -59.56 -12.75
CA GLU A 92 -48.48 -59.63 -12.34
C GLU A 92 -49.37 -59.57 -13.57
N ALA A 93 -49.04 -58.66 -14.47
CA ALA A 93 -49.80 -58.50 -15.71
C ALA A 93 -49.99 -59.86 -16.37
N ALA A 94 -48.89 -60.59 -16.47
CA ALA A 94 -48.88 -61.89 -17.07
C ALA A 94 -49.81 -62.82 -16.39
N ARG A 95 -49.50 -63.07 -15.13
CA ARG A 95 -50.30 -64.01 -14.38
C ARG A 95 -51.77 -63.70 -14.50
N ALA A 96 -52.14 -62.42 -14.44
CA ALA A 96 -53.56 -62.03 -14.53
C ALA A 96 -54.14 -62.33 -15.90
N GLY A 97 -53.36 -62.96 -16.76
CA GLY A 97 -53.87 -63.26 -18.08
C GLY A 97 -54.67 -62.11 -18.64
N GLU A 98 -55.75 -62.42 -19.35
CA GLU A 98 -56.58 -61.40 -19.98
C GLU A 98 -56.88 -60.08 -19.28
N GLN A 99 -56.74 -60.03 -17.96
CA GLN A 99 -57.00 -58.77 -17.25
C GLN A 99 -55.75 -57.92 -17.30
N GLY A 100 -54.61 -58.61 -17.38
CA GLY A 100 -53.34 -57.94 -17.45
C GLY A 100 -53.36 -56.70 -18.32
N ARG A 101 -53.70 -56.85 -19.61
CA ARG A 101 -53.74 -55.72 -20.53
C ARG A 101 -53.39 -54.36 -19.89
N GLY A 102 -54.27 -53.88 -19.01
CA GLY A 102 -54.06 -52.62 -18.32
C GLY A 102 -52.80 -52.70 -17.48
N PHE A 103 -52.79 -53.65 -16.55
CA PHE A 103 -51.63 -53.89 -15.71
C PHE A 103 -50.42 -53.65 -16.63
N ALA A 104 -50.33 -54.49 -17.65
CA ALA A 104 -49.27 -54.45 -18.64
C ALA A 104 -48.80 -53.06 -18.98
N VAL A 105 -49.70 -52.27 -19.50
CA VAL A 105 -49.29 -50.95 -19.87
C VAL A 105 -48.66 -50.20 -18.71
N VAL A 106 -49.36 -50.13 -17.56
CA VAL A 106 -48.78 -49.34 -16.46
C VAL A 106 -47.36 -49.77 -16.10
N ALA A 107 -47.05 -51.04 -16.34
CA ALA A 107 -45.72 -51.54 -16.06
C ALA A 107 -44.72 -50.77 -16.90
N GLY A 108 -45.06 -50.62 -18.18
CA GLY A 108 -44.19 -49.91 -19.09
C GLY A 108 -44.17 -48.44 -18.78
N GLU A 109 -45.30 -47.91 -18.32
CA GLU A 109 -45.39 -46.47 -17.98
C GLU A 109 -44.51 -46.28 -16.76
N VAL A 110 -44.56 -47.24 -15.87
CA VAL A 110 -43.70 -47.15 -14.72
C VAL A 110 -42.26 -47.13 -15.18
N ARG A 111 -41.75 -48.28 -15.59
CA ARG A 111 -40.37 -48.35 -16.04
C ARG A 111 -39.96 -47.11 -16.77
N ASN A 112 -40.83 -46.63 -17.67
CA ASN A 112 -40.46 -45.43 -18.40
C ASN A 112 -40.08 -44.27 -17.49
N LEU A 113 -41.01 -43.79 -16.67
CA LEU A 113 -40.73 -42.68 -15.77
C LEU A 113 -39.47 -42.96 -15.00
N ALA A 114 -39.35 -44.18 -14.48
CA ALA A 114 -38.15 -44.57 -13.74
C ALA A 114 -36.91 -44.04 -14.46
N GLN A 115 -36.81 -44.43 -15.72
CA GLN A 115 -35.72 -44.04 -16.59
C GLN A 115 -35.55 -42.53 -16.69
N ARG A 116 -36.66 -41.85 -16.96
CA ARG A 116 -36.64 -40.40 -17.06
C ARG A 116 -36.18 -39.81 -15.75
N SER A 117 -36.74 -40.31 -14.65
CA SER A 117 -36.37 -39.78 -13.36
C SER A 117 -34.90 -40.03 -13.13
N ALA A 118 -34.46 -41.25 -13.39
CA ALA A 118 -33.04 -41.57 -13.19
C ALA A 118 -32.19 -40.61 -13.97
N GLN A 119 -32.52 -40.47 -15.25
CA GLN A 119 -31.82 -39.55 -16.14
C GLN A 119 -31.69 -38.18 -15.46
N ALA A 120 -32.83 -37.60 -15.05
CA ALA A 120 -32.82 -36.32 -14.34
C ALA A 120 -31.67 -36.36 -13.34
N ALA A 121 -31.85 -37.16 -12.28
CA ALA A 121 -30.84 -37.34 -11.24
C ALA A 121 -29.38 -37.30 -11.77
N ARG A 122 -29.04 -38.13 -12.75
CA ARG A 122 -27.69 -38.07 -13.28
C ARG A 122 -27.30 -36.63 -13.58
N GLU A 123 -27.92 -36.07 -14.60
CA GLU A 123 -27.67 -34.69 -14.99
C GLU A 123 -27.36 -33.87 -13.75
N ILE A 124 -28.37 -33.68 -12.91
CA ILE A 124 -28.16 -32.88 -11.70
C ILE A 124 -27.07 -33.41 -10.78
N LYS A 125 -26.49 -34.55 -11.12
CA LYS A 125 -25.41 -35.10 -10.31
C LYS A 125 -24.08 -34.61 -10.88
N SER A 126 -23.85 -34.97 -12.15
CA SER A 126 -22.63 -34.59 -12.86
C SER A 126 -22.51 -33.08 -12.77
N LEU A 127 -23.65 -32.43 -12.70
CA LEU A 127 -23.70 -31.00 -12.58
C LEU A 127 -23.30 -30.58 -11.16
N ILE A 128 -24.05 -31.05 -10.18
CA ILE A 128 -23.80 -30.69 -8.79
C ILE A 128 -22.37 -30.97 -8.29
N GLU A 129 -21.66 -31.88 -8.96
CA GLU A 129 -20.30 -32.23 -8.58
C GLU A 129 -19.34 -31.36 -9.39
N ASP A 130 -19.51 -31.42 -10.70
CA ASP A 130 -18.72 -30.65 -11.63
C ASP A 130 -18.62 -29.25 -11.04
N SER A 131 -19.75 -28.76 -10.56
CA SER A 131 -19.79 -27.45 -9.95
C SER A 131 -18.74 -27.37 -8.85
N VAL A 132 -18.99 -28.08 -7.74
CA VAL A 132 -18.06 -28.05 -6.60
C VAL A 132 -16.60 -28.10 -7.03
N GLY A 133 -16.33 -28.56 -8.24
CA GLY A 133 -14.96 -28.61 -8.72
C GLY A 133 -14.46 -27.17 -8.78
N LYS A 134 -15.24 -26.33 -9.41
CA LYS A 134 -14.90 -24.92 -9.53
C LYS A 134 -14.94 -24.15 -8.20
N VAL A 135 -15.62 -24.70 -7.19
CA VAL A 135 -15.72 -24.04 -5.88
C VAL A 135 -14.47 -24.31 -5.05
N ASP A 136 -13.70 -25.31 -5.45
CA ASP A 136 -12.48 -25.62 -4.74
C ASP A 136 -11.34 -24.87 -5.44
N VAL A 137 -11.45 -24.76 -6.76
CA VAL A 137 -10.47 -24.02 -7.55
C VAL A 137 -10.48 -22.61 -6.95
N GLY A 138 -11.64 -21.96 -7.00
CA GLY A 138 -11.75 -20.63 -6.45
C GLY A 138 -11.45 -20.60 -4.96
N SER A 139 -11.91 -21.59 -4.22
CA SER A 139 -11.67 -21.62 -2.79
C SER A 139 -10.18 -21.59 -2.49
N THR A 140 -9.40 -22.16 -3.40
CA THR A 140 -7.94 -22.22 -3.25
C THR A 140 -7.30 -20.85 -3.46
N LEU A 141 -7.58 -20.28 -4.61
CA LEU A 141 -7.04 -18.98 -5.00
C LEU A 141 -7.29 -17.91 -3.94
N VAL A 142 -8.53 -17.79 -3.48
CA VAL A 142 -8.88 -16.83 -2.44
C VAL A 142 -8.11 -17.16 -1.15
N GLU A 143 -7.99 -18.46 -0.85
CA GLU A 143 -7.27 -18.95 0.33
C GLU A 143 -5.86 -18.36 0.32
N SER A 144 -5.17 -18.67 -0.78
CA SER A 144 -3.80 -18.25 -1.05
C SER A 144 -3.54 -16.74 -1.05
N ALA A 145 -4.42 -15.94 -1.65
CA ALA A 145 -4.20 -14.50 -1.63
C ALA A 145 -4.19 -14.07 -0.16
N GLY A 146 -5.16 -14.57 0.60
CA GLY A 146 -5.29 -14.25 2.01
C GLY A 146 -3.99 -14.21 2.79
N GLU A 147 -3.01 -14.97 2.33
CA GLU A 147 -1.69 -15.06 2.97
C GLU A 147 -0.75 -13.96 2.50
N THR A 148 -1.00 -13.45 1.29
CA THR A 148 -0.18 -12.40 0.72
C THR A 148 -0.37 -11.12 1.57
N MET A 149 -1.13 -11.26 2.65
CA MET A 149 -1.42 -10.15 3.56
C MET A 149 -0.40 -10.08 4.66
N ALA A 150 -0.28 -11.15 5.45
CA ALA A 150 0.69 -11.17 6.55
C ALA A 150 2.05 -10.65 6.06
N GLU A 151 2.25 -10.69 4.74
CA GLU A 151 3.47 -10.19 4.11
C GLU A 151 3.35 -8.69 3.87
N ILE A 152 2.18 -8.23 3.43
CA ILE A 152 1.95 -6.80 3.23
C ILE A 152 2.29 -6.11 4.56
N VAL A 153 1.95 -6.75 5.69
CA VAL A 153 2.22 -6.19 7.02
C VAL A 153 3.68 -6.26 7.48
N SER A 154 4.49 -7.07 6.80
CA SER A 154 5.92 -7.18 7.12
C SER A 154 6.73 -6.22 6.24
N ALA A 155 6.17 -5.85 5.10
CA ALA A 155 6.81 -4.94 4.17
C ALA A 155 6.53 -3.49 4.61
N VAL A 156 5.28 -3.27 5.01
CA VAL A 156 4.86 -1.95 5.46
C VAL A 156 5.14 -1.79 6.96
N THR A 157 5.83 -2.77 7.54
CA THR A 157 6.19 -2.69 8.95
C THR A 157 7.64 -2.16 8.94
N ARG A 158 8.18 -2.05 7.75
CA ARG A 158 9.53 -1.53 7.55
C ARG A 158 9.44 -0.07 7.16
N VAL A 159 8.42 0.29 6.39
CA VAL A 159 8.21 1.68 5.98
C VAL A 159 8.09 2.45 7.30
N THR A 160 7.90 1.71 8.40
CA THR A 160 7.76 2.26 9.75
C THR A 160 9.10 2.39 10.44
N ASP A 161 10.02 1.50 10.09
CA ASP A 161 11.37 1.50 10.63
C ASP A 161 12.17 2.53 9.84
N ILE A 162 12.20 2.39 8.52
CA ILE A 162 12.92 3.33 7.65
C ILE A 162 12.46 4.79 7.87
N MET A 163 11.17 5.04 7.77
CA MET A 163 10.62 6.39 7.98
C MET A 163 10.96 6.86 9.38
N GLY A 164 10.96 5.91 10.33
CA GLY A 164 11.25 6.21 11.72
C GLY A 164 12.70 6.59 11.97
N GLU A 165 13.53 6.51 10.93
CA GLU A 165 14.94 6.86 11.03
C GLU A 165 15.12 8.26 10.44
N ILE A 166 14.48 8.50 9.31
CA ILE A 166 14.53 9.81 8.68
C ILE A 166 14.18 10.79 9.81
N ALA A 167 13.14 10.45 10.57
CA ALA A 167 12.64 11.27 11.68
C ALA A 167 13.64 11.52 12.81
N SER A 168 14.73 10.76 12.86
CA SER A 168 15.74 10.94 13.90
C SER A 168 17.14 11.21 13.31
N ALA A 169 17.30 10.93 12.02
CA ALA A 169 18.55 11.17 11.29
C ALA A 169 18.40 12.48 10.53
N SER A 170 17.19 12.74 10.02
CA SER A 170 16.90 13.98 9.31
C SER A 170 16.71 15.05 10.39
N ASP A 171 16.37 14.60 11.59
CA ASP A 171 16.19 15.51 12.71
C ASP A 171 17.56 16.13 12.96
N GLU A 172 18.59 15.29 12.94
CA GLU A 172 19.96 15.76 13.15
C GLU A 172 20.31 16.86 12.18
N GLN A 173 19.73 16.80 10.98
CA GLN A 173 19.97 17.79 9.94
C GLN A 173 19.92 19.18 10.54
N SER A 174 18.96 19.42 11.43
CA SER A 174 18.89 20.71 12.10
C SER A 174 20.19 20.81 12.90
N ARG A 175 20.27 20.00 13.97
CA ARG A 175 21.43 19.94 14.87
C ARG A 175 22.78 20.17 14.16
N GLY A 176 22.89 19.66 12.94
CA GLY A 176 24.09 19.84 12.16
C GLY A 176 23.95 21.15 11.41
N ILE A 177 23.00 21.22 10.48
CA ILE A 177 22.76 22.44 9.68
C ILE A 177 22.84 23.68 10.54
N ASP A 178 22.63 23.51 11.84
CA ASP A 178 22.70 24.64 12.74
C ASP A 178 24.14 25.08 12.93
N GLN A 179 24.98 24.18 13.41
CA GLN A 179 26.36 24.54 13.62
C GLN A 179 26.99 25.00 12.32
N VAL A 180 26.38 24.66 11.19
CA VAL A 180 26.90 25.13 9.92
C VAL A 180 26.48 26.58 9.73
N GLY A 181 25.34 26.93 10.32
CA GLY A 181 24.86 28.31 10.24
C GLY A 181 25.82 29.19 11.01
N LEU A 182 26.42 28.63 12.06
CA LEU A 182 27.37 29.35 12.87
C LEU A 182 28.58 29.76 12.03
N ALA A 183 28.93 28.88 11.10
CA ALA A 183 30.05 29.12 10.22
C ALA A 183 29.64 30.16 9.19
N VAL A 184 28.53 29.99 8.48
CA VAL A 184 28.20 31.03 7.52
C VAL A 184 28.12 32.34 8.26
N ALA A 185 27.83 32.24 9.56
CA ALA A 185 27.76 33.43 10.38
C ALA A 185 29.18 34.04 10.52
N GLU A 186 29.97 33.42 11.38
CA GLU A 186 31.36 33.82 11.62
C GLU A 186 32.06 34.14 10.30
N MET A 187 31.86 33.29 9.30
CA MET A 187 32.49 33.50 7.99
C MET A 187 32.14 34.86 7.45
N ASP A 188 30.89 35.27 7.62
CA ASP A 188 30.53 36.56 7.11
C ASP A 188 31.18 37.71 7.91
N ARG A 189 31.17 37.63 9.24
CA ARG A 189 31.73 38.74 10.01
C ARG A 189 33.22 38.96 9.80
N VAL A 190 33.91 37.95 9.29
CA VAL A 190 35.33 38.10 9.01
C VAL A 190 35.49 38.49 7.56
N THR A 191 34.64 37.93 6.70
CA THR A 191 34.76 38.35 5.32
C THR A 191 34.35 39.81 5.44
N GLN A 192 33.83 40.15 6.62
CA GLN A 192 33.39 41.50 6.90
C GLN A 192 34.45 42.45 7.44
N GLN A 193 34.72 42.33 8.75
CA GLN A 193 35.71 43.18 9.40
C GLN A 193 36.92 43.36 8.52
N ASN A 194 37.15 42.42 7.64
CA ASN A 194 38.25 42.57 6.73
C ASN A 194 38.06 43.87 5.96
N ALA A 195 36.96 43.96 5.20
CA ALA A 195 36.68 45.16 4.41
C ALA A 195 36.77 46.45 5.24
N ALA A 196 36.52 46.33 6.54
CA ALA A 196 36.59 47.46 7.44
C ALA A 196 38.08 47.81 7.65
N LEU A 197 38.82 46.83 8.14
CA LEU A 197 40.24 46.97 8.37
C LEU A 197 40.81 47.54 7.13
N VAL A 198 40.41 46.97 5.99
CA VAL A 198 40.95 47.47 4.75
C VAL A 198 40.72 48.96 4.64
N GLU A 199 39.47 49.37 4.82
CA GLU A 199 39.11 50.78 4.72
C GLU A 199 39.78 51.71 5.75
N GLN A 200 39.69 51.34 7.01
CA GLN A 200 40.30 52.13 8.04
C GLN A 200 41.79 52.30 7.75
N SER A 201 42.41 51.22 7.29
CA SER A 201 43.83 51.31 6.96
C SER A 201 44.07 52.14 5.74
N ALA A 202 43.30 51.88 4.67
CA ALA A 202 43.40 52.63 3.40
C ALA A 202 43.31 54.13 3.72
N ALA A 203 42.45 54.39 4.71
CA ALA A 203 42.19 55.69 5.27
C ALA A 203 43.46 56.28 5.83
N ALA A 204 43.71 55.90 7.09
CA ALA A 204 44.89 56.38 7.81
C ALA A 204 46.05 56.57 6.86
N ALA A 205 46.17 55.72 5.83
CA ALA A 205 47.30 55.92 4.87
C ALA A 205 47.19 57.30 4.22
N ALA A 206 46.03 57.56 3.66
CA ALA A 206 45.70 58.81 3.00
C ALA A 206 45.84 60.03 3.93
N ALA A 207 45.50 59.84 5.21
CA ALA A 207 45.62 60.90 6.20
C ALA A 207 47.08 61.31 6.29
N LEU A 208 47.95 60.32 6.43
CA LEU A 208 49.39 60.61 6.57
C LEU A 208 49.99 61.28 5.35
N GLU A 209 49.52 60.87 4.17
CA GLU A 209 50.06 61.50 2.98
C GLU A 209 49.79 63.01 3.09
N GLU A 210 48.60 63.33 3.61
CA GLU A 210 48.24 64.74 3.83
C GLU A 210 49.21 65.32 4.88
N GLN A 211 49.01 64.98 6.14
CA GLN A 211 49.92 65.45 7.17
C GLN A 211 51.30 65.69 6.62
N ALA A 212 51.85 64.61 6.06
CA ALA A 212 53.18 64.67 5.46
C ALA A 212 53.22 65.76 4.40
N SER A 213 52.22 65.82 3.55
CA SER A 213 52.23 66.82 2.50
C SER A 213 52.33 68.21 3.06
N ARG A 214 51.74 68.39 4.25
CA ARG A 214 51.70 69.66 4.99
C ARG A 214 53.02 70.09 5.60
N LEU A 215 53.77 69.12 6.06
CA LEU A 215 55.02 69.48 6.62
C LEU A 215 55.83 69.98 5.42
N THR A 216 55.70 69.29 4.28
CA THR A 216 56.45 69.68 3.08
C THR A 216 56.13 71.13 2.73
N GLU A 217 54.88 71.52 2.90
CA GLU A 217 54.51 72.90 2.63
C GLU A 217 55.24 73.82 3.59
N ALA A 218 54.87 73.76 4.87
CA ALA A 218 55.49 74.58 5.88
C ALA A 218 56.96 74.83 5.51
N VAL A 219 57.68 73.73 5.31
CA VAL A 219 59.07 73.85 4.98
C VAL A 219 59.21 74.80 3.78
N ALA A 220 58.67 74.42 2.64
CA ALA A 220 58.77 75.27 1.47
C ALA A 220 58.63 76.75 1.87
N VAL A 221 57.55 77.03 2.59
CA VAL A 221 57.24 78.37 3.05
C VAL A 221 58.11 78.96 4.11
N PHE A 222 58.08 78.35 5.29
CA PHE A 222 58.83 78.91 6.40
C PHE A 222 60.30 78.56 6.46
N ARG A 223 60.85 78.08 5.36
CA ARG A 223 62.28 77.74 5.32
C ARG A 223 62.87 78.97 4.71
N ILE A 224 62.02 79.72 3.98
CA ILE A 224 62.38 80.95 3.28
C ILE A 224 63.55 81.73 3.91
N GLN A 225 63.97 81.24 5.08
CA GLN A 225 65.11 81.74 5.82
C GLN A 225 66.21 81.08 5.03
N GLN A 226 65.76 80.60 3.86
CA GLN A 226 66.56 79.94 2.85
C GLN A 226 66.07 80.44 1.48
N GLN A 227 65.22 81.48 1.51
CA GLN A 227 64.67 82.06 0.28
C GLN A 227 65.48 83.28 -0.16
N ALA B 7 40.51 24.32 14.15
CA ALA B 7 39.73 23.37 15.00
C ALA B 7 38.23 23.42 14.68
N SER B 8 37.64 24.61 14.73
CA SER B 8 36.21 24.80 14.45
C SER B 8 35.82 24.77 12.97
N LEU B 9 36.66 25.35 12.09
CA LEU B 9 36.37 25.32 10.66
C LEU B 9 36.46 23.85 10.24
N GLU B 10 37.19 23.10 11.06
CA GLU B 10 37.39 21.65 10.87
C GLU B 10 36.14 20.96 11.40
N GLN B 11 35.83 21.28 12.65
CA GLN B 11 34.66 20.75 13.35
C GLN B 11 33.41 20.96 12.50
N THR B 12 33.24 22.17 11.96
CA THR B 12 32.08 22.48 11.12
C THR B 12 32.15 21.68 9.82
N ALA B 13 33.34 21.64 9.21
CA ALA B 13 33.55 20.91 7.97
C ALA B 13 33.31 19.42 8.22
N ALA B 14 33.43 19.01 9.48
CA ALA B 14 33.21 17.62 9.84
C ALA B 14 31.70 17.40 9.81
N SER B 15 30.98 18.27 10.50
CA SER B 15 29.53 18.18 10.52
C SER B 15 29.09 18.30 9.08
N MET B 16 29.78 19.16 8.34
CA MET B 16 29.48 19.36 6.94
C MET B 16 29.25 18.06 6.17
N GLU B 17 30.32 17.32 5.88
CA GLU B 17 30.16 16.07 5.13
C GLU B 17 29.34 15.00 5.85
N GLN B 18 29.37 15.06 7.18
CA GLN B 18 28.56 14.14 8.00
C GLN B 18 27.13 14.36 7.50
N LEU B 19 26.85 15.62 7.16
CA LEU B 19 25.55 15.97 6.64
C LEU B 19 25.45 15.37 5.27
N THR B 20 26.50 15.54 4.47
CA THR B 20 26.54 14.96 3.12
C THR B 20 26.28 13.45 3.20
N ALA B 21 26.56 12.91 4.38
CA ALA B 21 26.38 11.50 4.66
C ALA B 21 24.89 11.16 4.77
N THR B 22 24.28 11.58 5.88
CA THR B 22 22.87 11.32 6.07
C THR B 22 22.17 11.67 4.75
N VAL B 23 22.24 12.92 4.32
CA VAL B 23 21.56 13.30 3.08
C VAL B 23 21.80 12.44 1.82
N LYS B 24 22.70 11.46 1.89
CA LYS B 24 22.91 10.59 0.74
C LYS B 24 22.08 9.34 0.99
N GLN B 25 22.28 8.78 2.17
CA GLN B 25 21.56 7.59 2.59
C GLN B 25 20.11 7.98 2.89
N ASN B 26 19.95 8.82 3.91
CA ASN B 26 18.65 9.32 4.37
C ASN B 26 17.89 9.86 3.17
N ALA B 27 18.55 9.88 2.01
CA ALA B 27 17.93 10.37 0.80
C ALA B 27 17.48 9.22 -0.08
N GLU B 28 18.38 8.25 -0.32
CA GLU B 28 18.00 7.11 -1.14
C GLU B 28 17.65 5.88 -0.33
N ASN B 29 18.03 5.89 0.95
CA ASN B 29 17.68 4.80 1.86
C ASN B 29 16.14 4.75 1.80
N ALA B 30 15.56 5.93 1.60
CA ALA B 30 14.13 6.08 1.51
C ALA B 30 13.68 5.75 0.11
N ARG B 31 14.57 5.94 -0.86
CA ARG B 31 14.22 5.62 -2.24
C ARG B 31 14.02 4.09 -2.34
N GLN B 32 14.68 3.37 -1.44
CA GLN B 32 14.53 1.92 -1.38
C GLN B 32 13.08 1.73 -0.93
N ALA B 33 12.70 2.47 0.12
CA ALA B 33 11.36 2.41 0.68
C ALA B 33 10.35 2.71 -0.43
N SER B 34 10.73 3.53 -1.42
CA SER B 34 9.85 3.86 -2.55
C SER B 34 9.65 2.62 -3.40
N HIS B 35 10.47 1.60 -3.15
CA HIS B 35 10.37 0.33 -3.86
C HIS B 35 9.74 -0.71 -2.93
N LEU B 36 10.15 -0.73 -1.66
CA LEU B 36 9.58 -1.66 -0.68
C LEU B 36 8.09 -1.30 -0.64
N ALA B 37 7.78 -0.16 -1.27
CA ALA B 37 6.41 0.34 -1.38
C ALA B 37 5.89 -0.05 -2.75
N LEU B 38 6.62 0.30 -3.82
CA LEU B 38 6.15 -0.08 -5.15
C LEU B 38 5.86 -1.58 -5.14
N SER B 39 6.65 -2.32 -4.36
CA SER B 39 6.50 -3.78 -4.22
C SER B 39 5.36 -4.14 -3.24
N ALA B 40 5.24 -3.43 -2.12
CA ALA B 40 4.15 -3.69 -1.17
C ALA B 40 2.83 -3.43 -1.91
N SER B 41 2.95 -2.95 -3.16
CA SER B 41 1.82 -2.63 -4.04
C SER B 41 1.59 -3.72 -5.10
N GLU B 42 2.54 -4.64 -5.24
CA GLU B 42 2.40 -5.75 -6.19
C GLU B 42 1.52 -6.83 -5.56
N THR B 43 1.79 -7.20 -4.31
CA THR B 43 0.97 -8.22 -3.63
C THR B 43 -0.34 -7.60 -3.16
N ALA B 44 -0.50 -6.31 -3.42
CA ALA B 44 -1.73 -5.60 -3.10
C ALA B 44 -2.51 -5.67 -4.42
N GLN B 45 -1.78 -5.69 -5.54
CA GLN B 45 -2.38 -5.79 -6.88
C GLN B 45 -2.73 -7.27 -7.19
N ARG B 46 -2.41 -8.16 -6.25
CA ARG B 46 -2.71 -9.59 -6.39
C ARG B 46 -4.20 -9.74 -6.19
N GLY B 47 -4.67 -9.47 -4.97
CA GLY B 47 -6.11 -9.56 -4.69
C GLY B 47 -6.92 -9.01 -5.86
N GLY B 48 -6.34 -8.02 -6.55
CA GLY B 48 -6.97 -7.37 -7.70
C GLY B 48 -7.49 -8.28 -8.81
N LYS B 49 -7.17 -9.57 -8.71
CA LYS B 49 -7.64 -10.56 -9.67
C LYS B 49 -8.03 -11.77 -8.84
N VAL B 50 -7.10 -12.22 -7.98
CA VAL B 50 -7.32 -13.38 -7.08
C VAL B 50 -8.71 -13.24 -6.51
N VAL B 51 -9.11 -12.00 -6.27
CA VAL B 51 -10.43 -11.70 -5.76
C VAL B 51 -11.39 -11.41 -6.93
N ASP B 52 -11.02 -10.50 -7.82
CA ASP B 52 -11.87 -10.22 -8.95
C ASP B 52 -12.41 -11.51 -9.59
N ASN B 53 -11.54 -12.49 -9.80
CA ASN B 53 -11.96 -13.77 -10.40
C ASN B 53 -12.97 -14.46 -9.52
N VAL B 54 -12.71 -14.45 -8.22
CA VAL B 54 -13.61 -15.07 -7.27
C VAL B 54 -15.06 -14.57 -7.42
N VAL B 55 -15.25 -13.33 -7.89
CA VAL B 55 -16.61 -12.81 -8.08
C VAL B 55 -17.26 -13.47 -9.30
N GLN B 56 -16.44 -14.03 -10.18
CA GLN B 56 -16.97 -14.68 -11.37
C GLN B 56 -17.62 -16.00 -10.98
N THR B 57 -16.84 -16.84 -10.30
CA THR B 57 -17.32 -18.12 -9.81
C THR B 57 -18.64 -17.88 -9.08
N MET B 58 -18.59 -16.92 -8.18
CA MET B 58 -19.74 -16.52 -7.39
C MET B 58 -20.97 -16.30 -8.27
N ARG B 59 -20.77 -15.58 -9.38
CA ARG B 59 -21.85 -15.31 -10.32
C ARG B 59 -22.16 -16.59 -11.08
N ASP B 60 -21.35 -17.62 -10.86
CA ASP B 60 -21.59 -18.87 -11.54
C ASP B 60 -22.44 -19.83 -10.77
N ILE B 61 -21.95 -20.21 -9.60
CA ILE B 61 -22.70 -21.13 -8.81
C ILE B 61 -24.11 -20.55 -8.77
N SER B 62 -24.21 -19.28 -8.37
CA SER B 62 -25.48 -18.59 -8.27
C SER B 62 -26.44 -18.94 -9.41
N THR B 63 -25.88 -19.22 -10.60
CA THR B 63 -26.70 -19.58 -11.75
C THR B 63 -26.81 -21.09 -11.88
N SER B 64 -25.69 -21.75 -12.02
CA SER B 64 -25.68 -23.20 -12.17
C SER B 64 -26.55 -23.86 -11.13
N SER B 65 -26.39 -23.45 -9.87
CA SER B 65 -27.20 -24.04 -8.80
C SER B 65 -28.68 -23.66 -8.91
N GLN B 66 -29.04 -23.06 -10.05
CA GLN B 66 -30.43 -22.70 -10.32
C GLN B 66 -30.83 -23.58 -11.52
N LYS B 67 -29.86 -23.82 -12.39
CA LYS B 67 -30.05 -24.66 -13.57
C LYS B 67 -30.42 -26.04 -13.02
N ILE B 68 -29.89 -26.32 -11.83
CA ILE B 68 -30.17 -27.55 -11.10
C ILE B 68 -31.60 -27.58 -10.61
N ALA B 69 -31.99 -26.56 -9.84
CA ALA B 69 -33.34 -26.48 -9.31
C ALA B 69 -34.34 -26.71 -10.42
N ASP B 70 -33.96 -26.36 -11.65
CA ASP B 70 -34.86 -26.57 -12.78
C ASP B 70 -35.00 -28.04 -13.03
N ILE B 71 -33.92 -28.79 -12.90
CA ILE B 71 -34.03 -30.21 -13.11
C ILE B 71 -34.86 -30.75 -11.96
N ILE B 72 -34.57 -30.28 -10.74
CA ILE B 72 -35.32 -30.76 -9.59
C ILE B 72 -36.82 -30.65 -9.85
N SER B 73 -37.23 -29.58 -10.51
CA SER B 73 -38.64 -29.39 -10.82
C SER B 73 -39.12 -30.56 -11.68
N VAL B 74 -38.39 -30.84 -12.76
CA VAL B 74 -38.73 -31.93 -13.69
C VAL B 74 -38.93 -33.21 -12.93
N ILE B 75 -37.97 -33.51 -12.06
CA ILE B 75 -38.08 -34.68 -11.20
C ILE B 75 -39.39 -34.55 -10.46
N ASP B 76 -39.69 -33.39 -9.89
CA ASP B 76 -40.94 -33.30 -9.20
C ASP B 76 -42.09 -33.68 -10.09
N GLY B 77 -42.10 -33.10 -11.28
CA GLY B 77 -43.18 -33.42 -12.19
C GLY B 77 -43.28 -34.93 -12.34
N ILE B 78 -42.14 -35.58 -12.57
CA ILE B 78 -42.19 -37.00 -12.74
C ILE B 78 -42.85 -37.65 -11.52
N ALA B 79 -42.35 -37.31 -10.35
CA ALA B 79 -42.92 -37.86 -9.15
C ALA B 79 -44.46 -37.73 -9.21
N PHE B 80 -44.92 -36.55 -9.59
CA PHE B 80 -46.36 -36.29 -9.70
C PHE B 80 -46.97 -37.34 -10.60
N GLN B 81 -46.51 -37.31 -11.84
CA GLN B 81 -47.00 -38.23 -12.83
C GLN B 81 -47.05 -39.68 -12.38
N THR B 82 -45.96 -40.18 -11.82
CA THR B 82 -46.00 -41.56 -11.38
C THR B 82 -47.10 -41.66 -10.29
N ASN B 83 -47.24 -40.63 -9.44
CA ASN B 83 -48.30 -40.73 -8.44
C ASN B 83 -49.68 -40.89 -9.11
N ILE B 84 -49.98 -40.04 -10.09
CA ILE B 84 -51.24 -40.21 -10.81
C ILE B 84 -51.26 -41.64 -11.37
N LEU B 85 -50.20 -42.02 -12.10
CA LEU B 85 -50.13 -43.33 -12.71
C LEU B 85 -50.52 -44.35 -11.67
N ALA B 86 -49.71 -44.38 -10.61
CA ALA B 86 -49.97 -45.28 -9.50
C ALA B 86 -51.46 -45.27 -9.08
N LEU B 87 -52.04 -44.08 -8.92
CA LEU B 87 -53.44 -44.00 -8.53
C LEU B 87 -54.33 -44.74 -9.49
N ASN B 88 -54.06 -44.51 -10.78
CA ASN B 88 -54.84 -45.15 -11.83
C ASN B 88 -54.61 -46.64 -11.80
N ALA B 89 -53.35 -47.03 -11.64
CA ALA B 89 -52.97 -48.42 -11.53
C ALA B 89 -53.85 -49.11 -10.48
N ALA B 90 -54.18 -48.44 -9.37
CA ALA B 90 -55.06 -49.04 -8.36
C ALA B 90 -56.52 -49.18 -8.78
N VAL B 91 -56.99 -48.38 -9.72
CA VAL B 91 -58.38 -48.52 -10.11
C VAL B 91 -58.32 -49.71 -11.03
N GLU B 92 -57.20 -49.83 -11.74
CA GLU B 92 -57.11 -50.89 -12.70
C GLU B 92 -57.18 -52.18 -11.92
N ALA B 93 -56.48 -52.22 -10.80
CA ALA B 93 -56.51 -53.40 -9.97
C ALA B 93 -57.93 -53.63 -9.51
N ALA B 94 -58.62 -52.55 -9.12
CA ALA B 94 -59.99 -52.70 -8.65
C ALA B 94 -60.86 -53.33 -9.74
N ARG B 95 -60.63 -52.94 -11.00
CA ARG B 95 -61.38 -53.52 -12.09
C ARG B 95 -61.25 -55.05 -12.13
N ALA B 96 -60.01 -55.52 -12.24
CA ALA B 96 -59.68 -56.95 -12.28
C ALA B 96 -60.20 -57.74 -11.07
N GLY B 97 -60.95 -57.07 -10.20
CA GLY B 97 -61.49 -57.73 -9.03
C GLY B 97 -60.50 -58.57 -8.25
N GLU B 98 -60.61 -59.89 -8.37
CA GLU B 98 -59.73 -60.78 -7.64
C GLU B 98 -58.29 -60.82 -8.07
N GLN B 99 -58.00 -60.87 -9.36
CA GLN B 99 -56.59 -60.88 -9.76
C GLN B 99 -55.97 -59.50 -9.63
N GLY B 100 -56.62 -58.60 -8.93
CA GLY B 100 -56.03 -57.29 -8.80
C GLY B 100 -55.31 -57.16 -7.49
N ARG B 101 -55.59 -58.06 -6.56
CA ARG B 101 -54.97 -58.03 -5.24
C ARG B 101 -53.48 -57.76 -5.24
N GLY B 102 -52.76 -58.42 -6.13
CA GLY B 102 -51.33 -58.24 -6.22
C GLY B 102 -50.94 -56.95 -6.89
N PHE B 103 -51.72 -56.53 -7.87
CA PHE B 103 -51.40 -55.30 -8.58
C PHE B 103 -51.72 -54.15 -7.63
N ALA B 104 -52.74 -54.36 -6.82
CA ALA B 104 -53.17 -53.37 -5.85
C ALA B 104 -52.01 -52.96 -4.96
N VAL B 105 -51.20 -53.95 -4.62
CA VAL B 105 -50.04 -53.68 -3.79
C VAL B 105 -48.96 -53.01 -4.63
N VAL B 106 -48.82 -53.44 -5.87
CA VAL B 106 -47.82 -52.79 -6.70
C VAL B 106 -48.18 -51.32 -6.81
N ALA B 107 -49.46 -51.10 -7.05
CA ALA B 107 -50.06 -49.80 -7.19
C ALA B 107 -49.55 -48.95 -6.02
N GLY B 108 -49.93 -49.40 -4.81
CA GLY B 108 -49.51 -48.71 -3.61
C GLY B 108 -48.01 -48.51 -3.52
N GLU B 109 -47.28 -49.59 -3.79
CA GLU B 109 -45.85 -49.48 -3.69
C GLU B 109 -45.37 -48.41 -4.63
N VAL B 110 -45.96 -48.38 -5.83
CA VAL B 110 -45.52 -47.36 -6.74
C VAL B 110 -45.90 -46.01 -6.22
N ARG B 111 -47.11 -45.84 -5.70
CA ARG B 111 -47.44 -44.51 -5.20
C ARG B 111 -46.45 -44.09 -4.13
N ASN B 112 -46.24 -44.92 -3.13
CA ASN B 112 -45.30 -44.55 -2.08
C ASN B 112 -43.95 -44.11 -2.65
N LEU B 113 -43.51 -44.79 -3.68
CA LEU B 113 -42.26 -44.38 -4.24
C LEU B 113 -42.39 -42.94 -4.73
N ALA B 114 -43.52 -42.63 -5.33
CA ALA B 114 -43.80 -41.30 -5.89
C ALA B 114 -43.76 -40.20 -4.83
N GLN B 115 -44.35 -40.52 -3.68
CA GLN B 115 -44.41 -39.63 -2.54
C GLN B 115 -42.98 -39.37 -2.10
N ARG B 116 -42.28 -40.45 -1.78
CA ARG B 116 -40.92 -40.32 -1.33
C ARG B 116 -40.13 -39.51 -2.33
N SER B 117 -40.25 -39.84 -3.61
CA SER B 117 -39.49 -39.07 -4.58
C SER B 117 -39.83 -37.59 -4.48
N ALA B 118 -41.10 -37.29 -4.23
CA ALA B 118 -41.52 -35.90 -4.07
C ALA B 118 -40.72 -35.19 -2.96
N GLN B 119 -41.04 -35.52 -1.72
CA GLN B 119 -40.39 -34.94 -0.54
C GLN B 119 -38.90 -34.66 -0.71
N ALA B 120 -38.18 -35.64 -1.27
CA ALA B 120 -36.77 -35.49 -1.49
C ALA B 120 -36.51 -34.23 -2.28
N ALA B 121 -37.30 -34.03 -3.35
CA ALA B 121 -37.14 -32.87 -4.23
C ALA B 121 -37.43 -31.60 -3.43
N ARG B 122 -38.57 -31.60 -2.76
CA ARG B 122 -38.94 -30.49 -1.93
C ARG B 122 -37.73 -30.06 -1.05
N GLU B 123 -37.11 -31.03 -0.36
CA GLU B 123 -35.95 -30.78 0.51
C GLU B 123 -34.80 -30.18 -0.27
N ILE B 124 -34.48 -30.80 -1.40
CA ILE B 124 -33.42 -30.26 -2.27
C ILE B 124 -33.77 -28.78 -2.43
N LYS B 125 -34.99 -28.53 -2.88
CA LYS B 125 -35.49 -27.16 -3.08
C LYS B 125 -35.06 -26.26 -1.95
N SER B 126 -35.73 -26.42 -0.81
CA SER B 126 -35.43 -25.63 0.37
C SER B 126 -33.93 -25.47 0.52
N LEU B 127 -33.27 -26.59 0.75
CA LEU B 127 -31.84 -26.57 0.89
C LEU B 127 -31.16 -25.74 -0.21
N ILE B 128 -31.64 -25.74 -1.44
CA ILE B 128 -30.97 -24.91 -2.45
C ILE B 128 -31.21 -23.46 -2.14
N GLU B 129 -32.44 -23.14 -1.74
CA GLU B 129 -32.80 -21.76 -1.42
C GLU B 129 -31.82 -21.17 -0.43
N ASP B 130 -31.73 -21.76 0.76
CA ASP B 130 -30.78 -21.23 1.72
C ASP B 130 -29.46 -21.08 1.00
N SER B 131 -28.87 -22.18 0.57
CA SER B 131 -27.58 -22.14 -0.10
C SER B 131 -27.43 -21.01 -1.09
N VAL B 132 -27.93 -21.13 -2.30
CA VAL B 132 -27.74 -20.03 -3.25
C VAL B 132 -28.10 -18.62 -2.66
N GLY B 133 -28.89 -18.59 -1.58
CA GLY B 133 -29.23 -17.32 -0.93
C GLY B 133 -28.00 -16.71 -0.26
N LYS B 134 -27.04 -17.58 0.02
CA LYS B 134 -25.76 -17.23 0.65
C LYS B 134 -24.80 -16.67 -0.36
N VAL B 135 -25.03 -16.95 -1.64
CA VAL B 135 -24.17 -16.36 -2.66
C VAL B 135 -24.35 -14.86 -2.51
N ASP B 136 -25.31 -14.51 -1.66
CA ASP B 136 -25.62 -13.13 -1.31
C ASP B 136 -24.35 -12.63 -0.58
N VAL B 137 -24.15 -13.12 0.63
CA VAL B 137 -22.98 -12.80 1.45
C VAL B 137 -21.67 -13.05 0.68
N GLY B 138 -21.79 -13.74 -0.45
CA GLY B 138 -20.65 -14.02 -1.28
C GLY B 138 -20.37 -12.74 -2.01
N SER B 139 -21.33 -12.28 -2.78
CA SER B 139 -21.17 -11.04 -3.51
C SER B 139 -20.82 -9.89 -2.56
N THR B 140 -21.13 -10.04 -1.28
CA THR B 140 -20.85 -9.04 -0.24
C THR B 140 -19.40 -9.11 0.23
N LEU B 141 -19.06 -10.18 0.93
CA LEU B 141 -17.70 -10.38 1.42
C LEU B 141 -16.69 -10.33 0.27
N VAL B 142 -17.15 -10.44 -0.97
CA VAL B 142 -16.25 -10.39 -2.12
C VAL B 142 -16.10 -8.95 -2.56
N GLU B 143 -17.05 -8.09 -2.18
CA GLU B 143 -16.92 -6.68 -2.52
C GLU B 143 -16.13 -6.05 -1.37
N SER B 144 -16.43 -6.50 -0.15
CA SER B 144 -15.78 -6.05 1.10
C SER B 144 -14.34 -6.52 1.24
N ALA B 145 -14.09 -7.80 0.99
CA ALA B 145 -12.73 -8.32 1.05
C ALA B 145 -12.01 -7.83 -0.21
N GLY B 146 -12.79 -7.45 -1.22
CA GLY B 146 -12.23 -6.95 -2.48
C GLY B 146 -12.06 -5.44 -2.42
N GLU B 147 -12.47 -4.86 -1.30
CA GLU B 147 -12.39 -3.42 -1.10
C GLU B 147 -11.22 -3.00 -0.20
N THR B 148 -10.89 -3.80 0.83
CA THR B 148 -9.77 -3.46 1.70
C THR B 148 -8.51 -3.81 0.92
N MET B 149 -8.73 -4.47 -0.23
CA MET B 149 -7.65 -4.89 -1.14
C MET B 149 -7.30 -3.75 -2.12
N ALA B 150 -8.16 -2.72 -2.18
CA ALA B 150 -7.94 -1.55 -3.03
C ALA B 150 -7.65 -0.37 -2.09
N GLU B 151 -8.04 -0.56 -0.82
CA GLU B 151 -7.84 0.40 0.27
C GLU B 151 -6.46 0.11 0.86
N ILE B 152 -5.88 -0.99 0.38
CA ILE B 152 -4.53 -1.41 0.76
C ILE B 152 -3.64 -0.67 -0.22
N VAL B 153 -3.97 -0.80 -1.50
CA VAL B 153 -3.23 -0.16 -2.58
C VAL B 153 -3.34 1.37 -2.54
N SER B 154 -3.96 1.91 -1.48
CA SER B 154 -4.11 3.37 -1.36
C SER B 154 -2.97 4.02 -0.59
N ALA B 155 -2.64 3.49 0.58
CA ALA B 155 -1.56 4.04 1.39
C ALA B 155 -0.21 3.80 0.72
N VAL B 156 -0.15 2.76 -0.11
CA VAL B 156 1.05 2.39 -0.85
C VAL B 156 1.16 3.11 -2.23
N THR B 157 0.13 3.87 -2.60
CA THR B 157 0.14 4.68 -3.83
C THR B 157 0.93 5.92 -3.44
N ARG B 158 0.85 6.22 -2.14
CA ARG B 158 1.49 7.37 -1.49
C ARG B 158 2.93 7.08 -1.05
N VAL B 159 3.11 6.05 -0.23
CA VAL B 159 4.46 5.73 0.21
C VAL B 159 5.41 5.70 -0.99
N THR B 160 4.94 5.24 -2.16
CA THR B 160 5.83 5.27 -3.33
C THR B 160 5.98 6.74 -3.73
N ASP B 161 4.93 7.52 -3.51
CA ASP B 161 4.97 8.95 -3.80
C ASP B 161 6.00 9.56 -2.83
N ILE B 162 5.54 9.90 -1.63
CA ILE B 162 6.34 10.49 -0.54
C ILE B 162 7.84 10.15 -0.67
N MET B 163 8.18 8.86 -0.74
CA MET B 163 9.57 8.45 -0.85
C MET B 163 10.21 8.99 -2.13
N GLY B 164 9.50 8.86 -3.25
CA GLY B 164 9.99 9.34 -4.53
C GLY B 164 9.94 10.86 -4.63
N GLU B 165 9.40 11.49 -3.59
CA GLU B 165 9.27 12.94 -3.52
C GLU B 165 10.44 13.51 -2.71
N ILE B 166 10.75 12.89 -1.56
CA ILE B 166 11.83 13.35 -0.68
C ILE B 166 13.19 13.11 -1.28
N ALA B 167 13.32 12.00 -2.02
CA ALA B 167 14.57 11.67 -2.66
C ALA B 167 14.90 12.73 -3.71
N SER B 168 13.91 13.12 -4.52
CA SER B 168 14.12 14.14 -5.55
C SER B 168 14.35 15.52 -4.92
N ALA B 169 14.11 15.59 -3.61
CA ALA B 169 14.28 16.83 -2.84
C ALA B 169 15.67 16.90 -2.24
N SER B 170 16.07 15.81 -1.59
CA SER B 170 17.38 15.69 -0.95
C SER B 170 18.51 15.70 -1.98
N ASP B 171 18.16 15.45 -3.23
CA ASP B 171 19.10 15.42 -4.34
C ASP B 171 19.82 16.76 -4.42
N GLU B 172 19.09 17.84 -4.14
CA GLU B 172 19.66 19.18 -4.15
C GLU B 172 20.05 19.58 -2.75
N GLN B 173 19.50 18.88 -1.77
CA GLN B 173 19.82 19.11 -0.36
C GLN B 173 21.37 19.15 -0.38
N SER B 174 21.92 18.26 -1.20
CA SER B 174 23.36 18.11 -1.39
C SER B 174 23.94 19.39 -1.95
N ARG B 175 23.71 19.62 -3.24
CA ARG B 175 24.22 20.80 -3.92
C ARG B 175 24.41 22.04 -3.05
N GLY B 176 23.40 22.38 -2.27
CA GLY B 176 23.50 23.55 -1.41
C GLY B 176 24.53 23.27 -0.33
N ILE B 177 24.34 22.16 0.39
CA ILE B 177 25.22 21.70 1.46
C ILE B 177 26.66 21.75 0.91
N ASP B 178 26.73 21.52 -0.39
CA ASP B 178 27.96 21.50 -1.19
C ASP B 178 28.48 22.92 -1.43
N GLN B 179 27.59 23.81 -1.86
CA GLN B 179 27.92 25.20 -2.13
C GLN B 179 28.29 25.90 -0.84
N VAL B 180 27.46 25.72 0.19
CA VAL B 180 27.75 26.30 1.49
C VAL B 180 29.18 25.91 1.86
N GLY B 181 29.44 24.61 1.93
CA GLY B 181 30.77 24.16 2.28
C GLY B 181 31.95 24.93 1.65
N LEU B 182 31.85 25.25 0.37
CA LEU B 182 32.92 25.99 -0.30
C LEU B 182 33.11 27.36 0.32
N ALA B 183 32.02 28.13 0.35
CA ALA B 183 32.05 29.47 0.91
C ALA B 183 32.74 29.54 2.27
N VAL B 184 32.28 28.73 3.22
CA VAL B 184 32.84 28.75 4.55
C VAL B 184 34.26 28.20 4.67
N ALA B 185 34.84 27.81 3.55
CA ALA B 185 36.22 27.30 3.54
C ALA B 185 37.23 28.43 3.84
N GLU B 186 37.08 29.52 3.10
CA GLU B 186 37.94 30.67 3.25
C GLU B 186 38.05 31.15 4.69
N MET B 187 36.94 31.08 5.43
CA MET B 187 36.92 31.56 6.80
C MET B 187 38.27 31.59 7.48
N ASP B 188 38.86 30.42 7.65
CA ASP B 188 40.14 30.38 8.33
C ASP B 188 41.17 31.27 7.63
N ARG B 189 41.23 31.13 6.31
CA ARG B 189 42.14 31.93 5.52
C ARG B 189 41.92 33.36 5.82
N VAL B 190 40.72 33.82 5.52
CA VAL B 190 40.34 35.23 5.72
C VAL B 190 40.77 35.78 7.05
N THR B 191 40.67 34.94 8.07
CA THR B 191 41.06 35.40 9.38
C THR B 191 42.54 35.78 9.46
N GLN B 192 43.41 35.00 8.83
CA GLN B 192 44.84 35.37 8.83
C GLN B 192 44.98 36.69 8.09
N GLN B 193 44.26 36.76 6.98
CA GLN B 193 44.17 37.93 6.14
C GLN B 193 44.03 39.13 7.07
N ASN B 194 42.99 39.06 7.93
CA ASN B 194 42.67 40.11 8.92
C ASN B 194 43.75 40.31 9.94
N ALA B 195 44.14 39.23 10.59
CA ALA B 195 45.20 39.27 11.59
C ALA B 195 46.44 40.04 11.10
N ALA B 196 46.73 39.85 9.80
CA ALA B 196 47.88 40.51 9.18
C ALA B 196 47.60 42.00 9.18
N LEU B 197 46.42 42.39 8.71
CA LEU B 197 46.00 43.79 8.67
C LEU B 197 46.18 44.44 10.02
N VAL B 198 45.67 43.73 11.03
CA VAL B 198 45.75 44.19 12.40
C VAL B 198 47.18 44.41 12.81
N GLU B 199 48.06 43.58 12.28
CA GLU B 199 49.48 43.72 12.58
C GLU B 199 50.05 45.01 12.02
N GLN B 200 49.78 45.24 10.74
CA GLN B 200 50.26 46.44 10.10
C GLN B 200 49.74 47.62 10.92
N SER B 201 48.45 47.60 11.23
CA SER B 201 47.89 48.68 12.03
C SER B 201 48.70 48.94 13.28
N ALA B 202 49.00 47.91 14.07
CA ALA B 202 49.80 48.14 15.28
C ALA B 202 51.14 48.83 14.93
N ALA B 203 51.77 48.37 13.86
CA ALA B 203 53.05 48.94 13.46
C ALA B 203 52.87 50.39 13.03
N ALA B 204 51.77 50.62 12.34
CA ALA B 204 51.49 51.95 11.87
C ALA B 204 51.46 52.77 13.16
N ALA B 205 50.49 52.45 14.02
CA ALA B 205 50.27 53.11 15.28
C ALA B 205 51.57 53.48 15.90
N ALA B 206 52.36 52.45 16.19
CA ALA B 206 53.66 52.63 16.81
C ALA B 206 54.59 53.63 16.10
N ALA B 207 54.73 53.50 14.78
CA ALA B 207 55.59 54.41 14.03
C ALA B 207 55.11 55.82 14.36
N LEU B 208 53.82 56.03 14.18
CA LEU B 208 53.21 57.31 14.44
C LEU B 208 53.40 57.69 15.90
N GLU B 209 53.18 56.72 16.78
CA GLU B 209 53.27 56.94 18.21
C GLU B 209 54.59 57.61 18.53
N GLU B 210 55.63 57.15 17.88
CA GLU B 210 56.91 57.71 18.19
C GLU B 210 57.32 58.89 17.33
N GLN B 211 56.92 58.87 16.06
CA GLN B 211 57.25 60.00 15.19
C GLN B 211 56.70 61.28 15.83
N ALA B 212 55.56 61.13 16.50
CA ALA B 212 54.91 62.23 17.18
C ALA B 212 55.78 62.80 18.30
N SER B 213 56.16 61.98 19.27
CA SER B 213 56.99 62.45 20.37
C SER B 213 58.22 63.17 19.85
N ARG B 214 58.83 62.56 18.84
CA ARG B 214 60.00 63.10 18.19
C ARG B 214 59.70 64.61 18.03
N LEU B 215 58.51 64.90 17.54
CA LEU B 215 58.08 66.27 17.36
C LEU B 215 57.67 66.93 18.66
N THR B 216 56.59 66.48 19.29
CA THR B 216 56.12 67.11 20.53
C THR B 216 57.29 67.52 21.45
N GLU B 217 58.36 66.73 21.46
CA GLU B 217 59.51 67.06 22.31
C GLU B 217 60.34 68.20 21.69
N ALA B 218 60.46 68.21 20.36
CA ALA B 218 61.21 69.28 19.73
C ALA B 218 60.50 70.55 20.14
N VAL B 219 59.17 70.55 19.98
CA VAL B 219 58.36 71.73 20.31
C VAL B 219 58.68 72.18 21.72
N ALA B 220 58.94 71.18 22.56
CA ALA B 220 59.26 71.37 23.95
C ALA B 220 60.54 72.18 24.15
N VAL B 221 61.56 71.93 23.35
CA VAL B 221 62.79 72.67 23.54
C VAL B 221 62.58 74.13 23.15
N PHE B 222 62.02 74.37 21.96
CA PHE B 222 61.75 75.71 21.46
C PHE B 222 60.82 76.44 22.42
N ARG B 223 60.03 75.70 23.20
CA ARG B 223 59.09 76.33 24.13
C ARG B 223 59.78 76.98 25.34
N ILE B 224 60.88 76.39 25.79
CA ILE B 224 61.63 76.91 26.92
C ILE B 224 62.74 77.73 26.30
N GLN B 225 63.42 77.09 25.36
CA GLN B 225 64.53 77.64 24.58
C GLN B 225 64.08 78.89 23.78
N GLN B 226 63.00 79.51 24.23
CA GLN B 226 62.42 80.72 23.64
C GLN B 226 61.39 81.17 24.66
N GLN B 227 61.75 81.06 25.93
CA GLN B 227 60.90 81.44 27.06
C GLN B 227 61.48 82.66 27.79
#